data_5C85
#
_entry.id   5C85
#
_cell.length_a   60.722
_cell.length_b   60.722
_cell.length_c   61.874
_cell.angle_alpha   90.00
_cell.angle_beta   90.00
_cell.angle_gamma   120.00
#
_symmetry.space_group_name_H-M   'P 32 2 1'
#
loop_
_entity.id
_entity.type
_entity.pdbx_description
1 polymer Peregrin
2 non-polymer 'NITRATE ION'
3 non-polymer 6-bromo-3,4-dihydroquinoxalin-2(1H)-one
4 water water
#
_entity_poly.entity_id   1
_entity_poly.type   'polypeptide(L)'
_entity_poly.pdbx_seq_one_letter_code
;SMEMQLTPFLILLRKTLEQLQEKDTGNIFSEPVPLSEVPDYLDHIKKPMDFFTMKQNLEAYRYLNFDDFEEDFNLIVSNC
LKYNAKDTIFYRAAVRLREQGGAVLRQARRQAEKMG
;
_entity_poly.pdbx_strand_id   A
#
loop_
_chem_comp.id
_chem_comp.type
_chem_comp.name
_chem_comp.formula
4YO non-polymer 6-bromo-3,4-dihydroquinoxalin-2(1H)-one 'C8 H7 Br N2 O'
NO3 non-polymer 'NITRATE ION' 'N O3 -1'
#
# COMPACT_ATOMS: atom_id res chain seq x y z
N MET A 4 -16.46 -5.39 16.88
CA MET A 4 -15.09 -5.39 17.35
C MET A 4 -14.70 -4.03 17.95
N GLN A 5 -13.60 -4.02 18.68
CA GLN A 5 -13.09 -2.82 19.33
C GLN A 5 -12.13 -2.11 18.40
N LEU A 6 -12.17 -0.78 18.38
CA LEU A 6 -11.40 0.01 17.42
C LEU A 6 -9.90 -0.05 17.68
N THR A 7 -9.50 0.15 18.94
CA THR A 7 -8.08 0.21 19.28
C THR A 7 -7.27 -1.04 18.89
N PRO A 8 -7.79 -2.27 19.15
CA PRO A 8 -7.03 -3.43 18.69
C PRO A 8 -6.93 -3.54 17.17
N PHE A 9 -8.00 -3.14 16.52
CA PHE A 9 -8.05 -3.17 15.08
C PHE A 9 -7.00 -2.23 14.50
N LEU A 10 -6.83 -1.06 15.12
CA LEU A 10 -5.92 -0.07 14.56
C LEU A 10 -4.48 -0.45 14.82
N ILE A 11 -4.23 -1.08 15.97
CA ILE A 11 -2.86 -1.52 16.21
C ILE A 11 -2.53 -2.64 15.22
N LEU A 12 -3.53 -3.43 14.84
CA LEU A 12 -3.31 -4.47 13.83
C LEU A 12 -3.01 -3.86 12.47
N LEU A 13 -3.73 -2.81 12.09
CA LEU A 13 -3.43 -2.12 10.84
C LEU A 13 -2.06 -1.48 10.88
N ARG A 14 -1.68 -0.94 12.03
CA ARG A 14 -0.34 -0.37 12.13
C ARG A 14 0.70 -1.43 11.89
N LYS A 15 0.50 -2.62 12.47
CA LYS A 15 1.47 -3.70 12.32
C LYS A 15 1.50 -4.19 10.89
N THR A 16 0.32 -4.33 10.30
CA THR A 16 0.24 -4.81 8.94
C THR A 16 0.91 -3.83 7.98
N LEU A 17 0.70 -2.55 8.23
CA LEU A 17 1.31 -1.51 7.41
C LEU A 17 2.84 -1.57 7.51
N GLU A 18 3.41 -1.74 8.71
CA GLU A 18 4.87 -1.85 8.78
C GLU A 18 5.36 -3.15 8.13
N GLN A 19 4.57 -4.23 8.20
CA GLN A 19 4.95 -5.46 7.48
C GLN A 19 4.96 -5.27 5.96
N LEU A 20 3.98 -4.53 5.46
CA LEU A 20 3.93 -4.21 4.04
C LEU A 20 5.12 -3.33 3.63
N GLN A 21 5.39 -2.31 4.44
CA GLN A 21 6.47 -1.36 4.15
C GLN A 21 7.80 -2.09 4.14
N GLU A 22 7.90 -3.13 4.96
CA GLU A 22 9.13 -3.94 5.01
C GLU A 22 9.42 -4.61 3.67
N LYS A 23 8.37 -4.94 2.93
CA LYS A 23 8.49 -5.59 1.63
C LYS A 23 9.03 -4.62 0.58
N ASP A 24 8.91 -3.33 0.86
CA ASP A 24 9.37 -2.29 -0.05
C ASP A 24 10.84 -2.01 0.22
N THR A 25 11.69 -2.96 -0.11
CA THR A 25 13.10 -2.85 0.27
C THR A 25 13.75 -1.69 -0.44
N GLY A 26 13.28 -1.40 -1.64
CA GLY A 26 13.78 -0.29 -2.43
C GLY A 26 13.28 1.07 -1.97
N ASN A 27 12.32 1.09 -1.05
CA ASN A 27 11.74 2.33 -0.57
C ASN A 27 11.19 3.21 -1.71
N ILE A 28 10.46 2.61 -2.64
CA ILE A 28 9.88 3.38 -3.74
C ILE A 28 8.37 3.53 -3.59
N PHE A 29 7.84 3.06 -2.48
CA PHE A 29 6.40 3.13 -2.22
C PHE A 29 6.09 3.78 -0.88
N SER A 30 7.13 4.13 -0.14
CA SER A 30 6.93 4.56 1.24
CA SER A 30 7.00 4.58 1.24
C SER A 30 6.67 6.07 1.34
N GLU A 31 6.82 6.79 0.23
CA GLU A 31 6.53 8.22 0.19
C GLU A 31 5.89 8.55 -1.15
N PRO A 32 5.11 9.64 -1.21
CA PRO A 32 4.47 10.00 -2.49
C PRO A 32 5.48 10.10 -3.63
N VAL A 33 5.09 9.65 -4.82
CA VAL A 33 5.94 9.78 -6.00
C VAL A 33 6.27 11.27 -6.21
N PRO A 34 7.57 11.60 -6.21
CA PRO A 34 8.00 13.00 -6.31
C PRO A 34 7.64 13.61 -7.65
N LEU A 35 6.67 14.52 -7.67
CA LEU A 35 6.19 15.10 -8.91
C LEU A 35 7.26 15.95 -9.60
N SER A 36 8.35 16.21 -8.88
CA SER A 36 9.49 16.91 -9.47
C SER A 36 10.24 15.97 -10.40
N GLU A 37 10.42 14.73 -9.98
CA GLU A 37 11.11 13.72 -10.78
C GLU A 37 10.17 13.17 -11.86
N VAL A 38 8.88 13.17 -11.57
CA VAL A 38 7.89 12.60 -12.47
C VAL A 38 6.77 13.61 -12.72
N PRO A 39 7.07 14.64 -13.52
CA PRO A 39 6.15 15.77 -13.71
C PRO A 39 4.81 15.38 -14.34
N ASP A 40 4.82 14.35 -15.17
CA ASP A 40 3.60 13.96 -15.89
C ASP A 40 2.82 12.87 -15.17
N TYR A 41 3.20 12.59 -13.91
CA TYR A 41 2.63 11.48 -13.17
C TYR A 41 1.12 11.58 -12.96
N LEU A 42 0.66 12.76 -12.53
CA LEU A 42 -0.75 12.93 -12.19
C LEU A 42 -1.61 13.13 -13.45
N ASP A 43 -0.97 13.07 -14.62
CA ASP A 43 -1.70 13.05 -15.87
C ASP A 43 -2.29 11.67 -16.13
N HIS A 44 -1.67 10.64 -15.56
CA HIS A 44 -2.11 9.26 -15.79
C HIS A 44 -2.67 8.61 -14.53
N ILE A 45 -2.27 9.13 -13.38
CA ILE A 45 -2.61 8.53 -12.09
C ILE A 45 -3.64 9.38 -11.37
N LYS A 46 -4.88 8.92 -11.32
CA LYS A 46 -5.97 9.71 -10.76
C LYS A 46 -5.84 9.86 -9.25
N LYS A 47 -5.46 8.78 -8.56
CA LYS A 47 -5.28 8.87 -7.11
C LYS A 47 -3.97 8.25 -6.65
N PRO A 48 -2.93 9.09 -6.51
CA PRO A 48 -1.64 8.65 -5.96
C PRO A 48 -1.81 8.07 -4.56
N MET A 49 -0.94 7.13 -4.20
CA MET A 49 -0.99 6.53 -2.88
C MET A 49 0.38 5.98 -2.54
N ASP A 50 0.68 5.95 -1.25
CA ASP A 50 1.97 5.51 -0.74
C ASP A 50 1.82 5.13 0.73
N PHE A 51 2.82 4.46 1.30
CA PHE A 51 2.69 3.95 2.66
C PHE A 51 2.64 5.03 3.74
N PHE A 52 3.26 6.18 3.48
CA PHE A 52 3.24 7.27 4.45
C PHE A 52 1.84 7.87 4.53
N THR A 53 1.27 8.13 3.36
CA THR A 53 -0.10 8.61 3.24
C THR A 53 -1.07 7.65 3.90
N MET A 54 -0.83 6.36 3.73
CA MET A 54 -1.64 5.33 4.37
C MET A 54 -1.56 5.41 5.87
N LYS A 55 -0.36 5.63 6.39
CA LYS A 55 -0.16 5.79 7.84
C LYS A 55 -0.94 6.98 8.34
N GLN A 56 -0.88 8.07 7.59
CA GLN A 56 -1.61 9.27 7.93
C GLN A 56 -3.11 9.02 7.93
N ASN A 57 -3.57 8.31 6.90
CA ASN A 57 -4.98 7.92 6.81
C ASN A 57 -5.40 7.02 7.96
N LEU A 58 -4.56 6.05 8.29
CA LEU A 58 -4.81 5.16 9.44
C LEU A 58 -5.07 5.99 10.70
N GLU A 59 -4.15 6.91 11.00
CA GLU A 59 -4.24 7.68 12.24
C GLU A 59 -5.38 8.69 12.23
N ALA A 60 -5.86 9.02 11.04
CA ALA A 60 -7.02 9.91 10.90
C ALA A 60 -8.32 9.10 10.92
N TYR A 61 -8.19 7.84 11.31
CA TYR A 61 -9.32 6.91 11.36
C TYR A 61 -10.05 6.77 10.04
N ARG A 62 -9.33 6.78 8.92
CA ARG A 62 -9.98 6.65 7.63
C ARG A 62 -10.14 5.17 7.25
N TYR A 63 -9.44 4.28 7.96
CA TYR A 63 -9.56 2.84 7.71
C TYR A 63 -10.29 2.20 8.88
N LEU A 64 -11.57 1.91 8.70
CA LEU A 64 -12.35 1.27 9.76
C LEU A 64 -12.67 -0.19 9.44
N ASN A 65 -12.21 -0.67 8.29
CA ASN A 65 -12.34 -2.09 7.98
C ASN A 65 -11.16 -2.50 7.10
N PHE A 66 -10.94 -3.79 6.93
CA PHE A 66 -9.75 -4.17 6.18
C PHE A 66 -9.91 -3.87 4.70
N ASP A 67 -11.14 -3.98 4.18
CA ASP A 67 -11.35 -3.70 2.77
C ASP A 67 -10.80 -2.34 2.36
N ASP A 68 -11.07 -1.30 3.15
CA ASP A 68 -10.61 0.01 2.71
C ASP A 68 -9.12 0.21 2.85
N PHE A 69 -8.55 -0.40 3.88
CA PHE A 69 -7.09 -0.46 4.04
C PHE A 69 -6.47 -1.09 2.79
N GLU A 70 -6.98 -2.28 2.47
CA GLU A 70 -6.49 -3.06 1.35
C GLU A 70 -6.71 -2.33 0.03
N GLU A 71 -7.77 -1.52 -0.03
CA GLU A 71 -8.05 -0.70 -1.21
C GLU A 71 -6.89 0.23 -1.55
N ASP A 72 -6.39 0.95 -0.55
CA ASP A 72 -5.29 1.88 -0.74
C ASP A 72 -3.95 1.19 -1.00
N PHE A 73 -3.74 0.03 -0.39
CA PHE A 73 -2.56 -0.77 -0.71
C PHE A 73 -2.60 -1.15 -2.18
N ASN A 74 -3.78 -1.59 -2.63
CA ASN A 74 -3.93 -2.01 -4.04
C ASN A 74 -3.64 -0.86 -4.99
N LEU A 75 -3.97 0.36 -4.58
CA LEU A 75 -3.66 1.56 -5.36
C LEU A 75 -2.17 1.73 -5.54
N ILE A 76 -1.41 1.57 -4.46
CA ILE A 76 0.05 1.64 -4.54
C ILE A 76 0.53 0.71 -5.64
N VAL A 77 0.01 -0.51 -5.63
CA VAL A 77 0.42 -1.51 -6.62
C VAL A 77 -0.07 -1.15 -8.02
N SER A 78 -1.35 -0.88 -8.17
CA SER A 78 -1.91 -0.66 -9.51
CA SER A 78 -1.92 -0.64 -9.50
C SER A 78 -1.41 0.64 -10.15
N ASN A 79 -1.18 1.68 -9.34
CA ASN A 79 -0.63 2.92 -9.89
C ASN A 79 0.69 2.67 -10.54
N CYS A 80 1.50 1.85 -9.88
CA CYS A 80 2.85 1.58 -10.34
C CYS A 80 2.82 0.70 -11.60
N LEU A 81 1.96 -0.30 -11.61
CA LEU A 81 1.79 -1.13 -12.80
C LEU A 81 1.29 -0.26 -13.97
N LYS A 82 0.39 0.67 -13.69
CA LYS A 82 -0.15 1.54 -14.75
C LYS A 82 0.89 2.48 -15.34
N TYR A 83 1.60 3.19 -14.47
CA TYR A 83 2.50 4.24 -14.95
C TYR A 83 3.73 3.71 -15.66
N ASN A 84 4.30 2.62 -15.16
CA ASN A 84 5.60 2.15 -15.61
C ASN A 84 5.56 1.04 -16.64
N ALA A 85 6.50 1.06 -17.59
CA ALA A 85 6.59 0.02 -18.59
C ALA A 85 6.86 -1.33 -17.95
N LYS A 86 6.43 -2.40 -18.62
CA LYS A 86 6.56 -3.74 -18.05
C LYS A 86 8.00 -4.13 -17.84
N ASP A 87 8.91 -3.55 -18.62
CA ASP A 87 10.30 -3.99 -18.58
C ASP A 87 11.16 -3.23 -17.57
N THR A 88 10.51 -2.45 -16.71
CA THR A 88 11.21 -1.62 -15.74
C THR A 88 11.32 -2.29 -14.37
N ILE A 89 12.33 -1.89 -13.61
CA ILE A 89 12.44 -2.32 -12.23
C ILE A 89 11.16 -2.00 -11.45
N PHE A 90 10.63 -0.78 -11.65
CA PHE A 90 9.44 -0.33 -10.94
C PHE A 90 8.27 -1.28 -11.13
N TYR A 91 8.03 -1.68 -12.38
CA TYR A 91 6.90 -2.57 -12.65
C TYR A 91 7.08 -3.91 -11.93
N ARG A 92 8.27 -4.50 -12.01
N ARG A 92 8.27 -4.50 -12.01
CA ARG A 92 8.52 -5.76 -11.34
CA ARG A 92 8.52 -5.77 -11.34
C ARG A 92 8.43 -5.64 -9.83
C ARG A 92 8.39 -5.62 -9.83
N ALA A 93 8.85 -4.49 -9.30
CA ALA A 93 8.70 -4.20 -7.86
C ALA A 93 7.25 -4.25 -7.43
N ALA A 94 6.39 -3.69 -8.26
CA ALA A 94 4.97 -3.69 -7.95
C ALA A 94 4.38 -5.11 -8.00
N VAL A 95 4.81 -5.91 -8.97
CA VAL A 95 4.38 -7.30 -9.04
C VAL A 95 4.81 -8.06 -7.78
N ARG A 96 6.04 -7.86 -7.35
CA ARG A 96 6.56 -8.50 -6.15
C ARG A 96 5.79 -8.03 -4.94
N LEU A 97 5.51 -6.73 -4.89
CA LEU A 97 4.77 -6.19 -3.75
C LEU A 97 3.37 -6.76 -3.73
N ARG A 98 2.76 -6.91 -4.90
CA ARG A 98 1.44 -7.51 -5.00
C ARG A 98 1.45 -8.93 -4.40
N GLU A 99 2.47 -9.68 -4.75
CA GLU A 99 2.62 -11.05 -4.29
C GLU A 99 2.89 -11.08 -2.80
N GLN A 100 3.97 -10.43 -2.39
CA GLN A 100 4.37 -10.53 -0.99
C GLN A 100 3.40 -9.80 -0.07
N GLY A 101 2.92 -8.64 -0.48
CA GLY A 101 1.94 -7.91 0.30
C GLY A 101 0.63 -8.65 0.42
N GLY A 102 0.28 -9.36 -0.64
CA GLY A 102 -0.95 -10.15 -0.66
C GLY A 102 -0.94 -11.18 0.44
N ALA A 103 0.22 -11.77 0.67
CA ALA A 103 0.35 -12.78 1.72
C ALA A 103 0.28 -12.13 3.11
N VAL A 104 0.88 -10.96 3.26
CA VAL A 104 0.80 -10.21 4.50
C VAL A 104 -0.65 -9.87 4.83
N LEU A 105 -1.37 -9.42 3.79
CA LEU A 105 -2.75 -9.01 3.97
C LEU A 105 -3.68 -10.17 4.30
N ARG A 106 -3.49 -11.30 3.64
N ARG A 106 -3.48 -11.30 3.62
CA ARG A 106 -4.32 -12.47 3.92
CA ARG A 106 -4.26 -12.50 3.88
C ARG A 106 -4.20 -12.90 5.38
C ARG A 106 -4.19 -12.91 5.35
N GLN A 107 -2.99 -12.83 5.92
CA GLN A 107 -2.77 -13.22 7.29
C GLN A 107 -3.36 -12.22 8.26
N ALA A 108 -3.19 -10.94 7.97
CA ALA A 108 -3.69 -9.92 8.86
C ALA A 108 -5.20 -9.96 8.88
N ARG A 109 -5.80 -10.30 7.73
CA ARG A 109 -7.25 -10.42 7.63
C ARG A 109 -7.73 -11.58 8.49
N ARG A 110 -6.94 -12.65 8.52
CA ARG A 110 -7.26 -13.81 9.33
C ARG A 110 -7.30 -13.43 10.80
N GLN A 111 -6.27 -12.71 11.25
CA GLN A 111 -6.23 -12.22 12.62
C GLN A 111 -7.43 -11.30 12.87
N ALA A 112 -7.82 -10.55 11.83
CA ALA A 112 -8.97 -9.66 11.91
C ALA A 112 -10.27 -10.44 12.10
N GLU A 113 -10.43 -11.51 11.34
CA GLU A 113 -11.61 -12.36 11.42
C GLU A 113 -11.76 -12.97 12.81
N LYS A 114 -10.63 -13.20 13.47
CA LYS A 114 -10.63 -13.71 14.85
C LYS A 114 -11.31 -12.73 15.78
N MET A 115 -11.12 -11.44 15.52
CA MET A 115 -11.71 -10.38 16.34
C MET A 115 -13.24 -10.37 16.21
N NO3 B . 1.62 -8.55 -13.96
O1 NO3 B . 1.37 -9.95 -13.42
O2 NO3 B . 0.97 -7.50 -13.44
O3 NO3 B . 2.45 -8.36 -15.04
O 4YO C . 5.79 4.59 -9.93
C 4YO C . 6.68 5.07 -9.23
CA 4YO C . 6.82 4.66 -7.90
N 4YO C . 7.72 5.53 -7.09
CAL 4YO C . 8.66 6.36 -7.71
CAE 4YO C . 9.65 6.96 -6.96
CAJ 4YO C . 10.58 7.79 -7.59
BR1 4YO C . 11.93 8.61 -6.59
CAC 4YO C . 10.49 7.99 -8.96
CAD 4YO C . 9.50 7.39 -9.71
CAK 4YO C . 8.58 6.57 -9.08
NAH 4YO C . 7.56 5.96 -9.81
#